data_6HL0
#
_entry.id   6HL0
#
_cell.length_a   85.359
_cell.length_b   34.558
_cell.length_c   82.880
_cell.angle_alpha   90.00
_cell.angle_beta   103.05
_cell.angle_gamma   90.00
#
_symmetry.space_group_name_H-M   'C 1 2 1'
#
loop_
_entity.id
_entity.type
_entity.pdbx_description
1 polymer 'Bile acid receptor'
2 polymer 'NCoA-2 peptide (Nuclear receptor coactivator 2), LYS-GLU-ASN-ALA-LEU-LEU-ARG-TYR-LEU-LEU-ASP-LYS-ASP'
3 water water
#
loop_
_entity_poly.entity_id
_entity_poly.type
_entity_poly.pdbx_seq_one_letter_code
_entity_poly.pdbx_strand_id
1 'polypeptide(L)'
;SHMELTPDQQTLLHFIMDSYNKQRMPQEITNKILKEEFSAEENFLILTEMATNHVQVLVEFTKKLPGFQTLDHEDQIALL
KGSAVEAMFLRSAEIFNKKLPSGHSDLLEERIRNSGISDEYITPMFSFYKSIGELKMTQEEYALLTAIVILSPDRQYIKD
REAVEKLQEPLLDVLQKLCKIHQPENPQHFACLLGRLTELRTFNHHHAEMLMSWRVNDHKFTPLLCEIWDVQ
;
A
2 'polypeptide(L)' KENALLRYLLDKD B
#
# COMPACT_ATOMS: atom_id res chain seq x y z
N SER A 1 3.31 29.79 -10.27
CA SER A 1 2.66 29.39 -9.03
C SER A 1 1.69 28.25 -9.25
N HIS A 2 1.43 27.94 -10.52
CA HIS A 2 0.61 26.73 -10.83
C HIS A 2 1.42 25.49 -10.42
N MET A 3 2.70 25.68 -10.11
CA MET A 3 3.57 24.54 -9.72
C MET A 3 4.17 24.80 -8.34
N GLU A 4 3.67 25.81 -7.62
CA GLU A 4 4.24 26.07 -6.26
C GLU A 4 3.22 25.79 -5.15
N LEU A 5 3.61 24.96 -4.17
CA LEU A 5 2.69 24.64 -3.08
C LEU A 5 2.42 25.88 -2.25
N THR A 6 1.14 26.13 -1.94
CA THR A 6 0.82 27.18 -0.99
C THR A 6 1.32 26.77 0.39
N PRO A 7 1.44 27.73 1.31
CA PRO A 7 1.81 27.35 2.69
C PRO A 7 0.96 26.25 3.29
N ASP A 8 -0.37 26.29 3.11
CA ASP A 8 -1.19 25.21 3.65
C ASP A 8 -0.88 23.88 2.97
N GLN A 9 -0.60 23.90 1.67
CA GLN A 9 -0.25 22.65 0.98
C GLN A 9 1.08 22.12 1.47
N GLN A 10 2.03 23.00 1.74
CA GLN A 10 3.33 22.58 2.25
C GLN A 10 3.19 21.99 3.65
N THR A 11 2.31 22.56 4.47
CA THR A 11 2.02 21.98 5.79
C THR A 11 1.40 20.60 5.66
N LEU A 12 0.39 20.48 4.79
CA LEU A 12 -0.22 19.18 4.51
C LEU A 12 0.83 18.19 4.04
N LEU A 13 1.73 18.59 3.14
CA LEU A 13 2.72 17.67 2.63
C LEU A 13 3.64 17.18 3.75
N HIS A 14 4.12 18.10 4.60
CA HIS A 14 4.95 17.70 5.73
C HIS A 14 4.22 16.71 6.62
N PHE A 15 2.94 16.96 6.84
CA PHE A 15 2.17 16.12 7.75
C PHE A 15 2.02 14.71 7.18
N ILE A 16 1.76 14.60 5.89
CA ILE A 16 1.69 13.28 5.26
C ILE A 16 3.05 12.59 5.28
N MET A 17 4.14 13.34 5.02
CA MET A 17 5.47 12.74 5.04
C MET A 17 5.86 12.25 6.41
N ASP A 18 5.55 13.04 7.45
CA ASP A 18 5.81 12.61 8.82
C ASP A 18 5.14 11.27 9.08
N SER A 19 3.86 11.18 8.73
CA SER A 19 3.11 9.95 8.94
C SER A 19 3.68 8.81 8.12
N TYR A 20 4.05 9.09 6.87
CA TYR A 20 4.59 8.06 5.98
C TYR A 20 5.95 7.54 6.47
N ASN A 21 6.82 8.44 6.95
CA ASN A 21 8.14 8.02 7.41
C ASN A 21 8.14 7.40 8.80
N LYS A 22 7.00 7.40 9.49
CA LYS A 22 6.99 7.01 10.90
C LYS A 22 7.39 5.57 11.10
N GLN A 23 6.83 4.68 10.28
CA GLN A 23 7.07 3.23 10.46
C GLN A 23 7.58 2.61 9.17
N ARG A 24 8.46 1.62 9.28
CA ARG A 24 9.00 0.88 8.15
C ARG A 24 8.95 -0.59 8.50
N MET A 25 9.85 -1.37 7.94
CA MET A 25 9.75 -2.79 8.26
C MET A 25 10.56 -3.10 9.51
N PRO A 26 9.98 -3.81 10.47
CA PRO A 26 10.74 -4.22 11.66
C PRO A 26 11.95 -5.06 11.28
N GLN A 27 13.07 -4.81 11.97
CA GLN A 27 14.30 -5.53 11.64
C GLN A 27 14.12 -7.03 11.82
N GLU A 28 13.24 -7.45 12.72
CA GLU A 28 12.93 -8.88 12.85
C GLU A 28 12.56 -9.46 11.49
N ILE A 29 11.77 -8.73 10.72
CA ILE A 29 11.32 -9.25 9.43
C ILE A 29 12.42 -9.15 8.39
N THR A 30 13.09 -7.99 8.30
CA THR A 30 14.14 -7.88 7.30
C THR A 30 15.29 -8.84 7.59
N ASN A 31 15.48 -9.16 8.88
CA ASN A 31 16.52 -10.13 9.30
C ASN A 31 16.14 -11.52 8.79
N LYS A 32 14.85 -11.88 8.88
CA LYS A 32 14.37 -13.18 8.41
C LYS A 32 14.55 -13.31 6.91
N ILE A 33 14.30 -12.22 6.17
CA ILE A 33 14.55 -12.21 4.73
C ILE A 33 15.95 -12.66 4.44
N LEU A 34 16.91 -12.17 5.22
CA LEU A 34 18.31 -12.46 4.99
C LEU A 34 18.69 -13.85 5.48
N LYS A 35 18.37 -14.20 6.74
CA LYS A 35 19.01 -15.44 7.28
C LYS A 35 18.08 -16.65 7.51
N GLU A 36 16.77 -16.52 7.36
CA GLU A 36 15.92 -17.68 7.62
C GLU A 36 16.20 -18.80 6.62
N GLU A 37 15.93 -20.04 7.04
CA GLU A 37 15.96 -21.18 6.14
C GLU A 37 15.16 -20.90 4.87
N PHE A 38 15.59 -21.49 3.76
CA PHE A 38 14.92 -21.31 2.48
C PHE A 38 14.11 -22.56 2.17
N SER A 39 12.79 -22.41 2.14
CA SER A 39 11.88 -23.47 1.70
C SER A 39 10.59 -22.78 1.34
N ALA A 40 9.74 -23.47 0.57
CA ALA A 40 8.47 -22.87 0.21
C ALA A 40 7.64 -22.55 1.44
N GLU A 41 7.76 -23.37 2.48
CA GLU A 41 7.06 -23.17 3.74
C GLU A 41 7.59 -21.96 4.49
N GLU A 42 8.92 -21.89 4.69
CA GLU A 42 9.50 -20.73 5.35
C GLU A 42 9.19 -19.45 4.57
N ASN A 43 9.31 -19.52 3.25
CA ASN A 43 9.12 -18.32 2.44
C ASN A 43 7.69 -17.81 2.50
N PHE A 44 6.72 -18.72 2.46
CA PHE A 44 5.33 -18.31 2.59
C PHE A 44 5.06 -17.68 3.95
N LEU A 45 5.66 -18.22 5.01
CA LEU A 45 5.41 -17.66 6.34
C LEU A 45 6.04 -16.28 6.51
N ILE A 46 7.23 -16.06 5.93
CA ILE A 46 7.78 -14.69 5.92
C ILE A 46 6.84 -13.75 5.19
N LEU A 47 6.32 -14.18 4.05
CA LEU A 47 5.46 -13.30 3.27
C LEU A 47 4.14 -12.99 3.99
N THR A 48 3.62 -13.92 4.80
CA THR A 48 2.42 -13.61 5.58
C THR A 48 2.76 -12.67 6.73
N GLU A 49 3.94 -12.86 7.33
CA GLU A 49 4.38 -11.91 8.35
C GLU A 49 4.51 -10.51 7.74
N MET A 50 5.09 -10.41 6.54
CA MET A 50 5.26 -9.12 5.90
C MET A 50 3.91 -8.47 5.62
N ALA A 51 2.96 -9.25 5.09
CA ALA A 51 1.61 -8.75 4.83
C ALA A 51 0.93 -8.26 6.10
N THR A 52 1.06 -9.03 7.19
CA THR A 52 0.45 -8.60 8.45
C THR A 52 1.02 -7.27 8.90
N ASN A 53 2.35 -7.12 8.82
CA ASN A 53 2.97 -5.84 9.14
C ASN A 53 2.46 -4.75 8.20
N HIS A 54 2.31 -5.06 6.90
CA HIS A 54 1.82 -4.07 5.94
C HIS A 54 0.47 -3.49 6.38
N VAL A 55 -0.45 -4.37 6.78
CA VAL A 55 -1.78 -3.95 7.22
C VAL A 55 -1.68 -3.05 8.45
N GLN A 56 -0.89 -3.49 9.44
CA GLN A 56 -0.70 -2.72 10.69
C GLN A 56 -0.18 -1.32 10.36
N VAL A 57 0.88 -1.24 9.54
CA VAL A 57 1.48 0.03 9.15
C VAL A 57 0.47 0.90 8.40
N LEU A 58 -0.31 0.28 7.51
CA LEU A 58 -1.30 1.02 6.72
C LEU A 58 -2.39 1.62 7.60
N VAL A 59 -2.88 0.87 8.58
CA VAL A 59 -3.86 1.42 9.52
C VAL A 59 -3.27 2.65 10.22
N GLU A 60 -2.03 2.54 10.69
CA GLU A 60 -1.44 3.65 11.41
C GLU A 60 -1.21 4.85 10.50
N PHE A 61 -0.81 4.60 9.24
CA PHE A 61 -0.62 5.71 8.32
C PHE A 61 -1.95 6.37 8.01
N THR A 62 -3.00 5.55 7.89
CA THR A 62 -4.31 6.05 7.47
C THR A 62 -4.96 6.86 8.56
N LYS A 63 -4.81 6.41 9.81
CA LYS A 63 -5.37 7.13 10.96
C LYS A 63 -4.83 8.54 11.05
N LYS A 64 -3.64 8.79 10.54
CA LYS A 64 -3.03 10.09 10.66
C LYS A 64 -3.26 10.97 9.43
N LEU A 65 -3.99 10.48 8.44
CA LEU A 65 -4.31 11.33 7.30
C LEU A 65 -5.28 12.43 7.76
N PRO A 66 -5.03 13.69 7.42
CA PRO A 66 -5.94 14.78 7.83
C PRO A 66 -7.37 14.53 7.39
N GLY A 67 -8.30 14.69 8.34
CA GLY A 67 -9.71 14.50 8.10
C GLY A 67 -10.21 13.08 8.25
N PHE A 68 -9.33 12.08 8.20
CA PHE A 68 -9.80 10.69 8.17
C PHE A 68 -10.63 10.34 9.40
N GLN A 69 -10.18 10.76 10.57
CA GLN A 69 -10.92 10.37 11.77
C GLN A 69 -12.16 11.23 12.01
N THR A 70 -12.42 12.21 11.14
CA THR A 70 -13.69 12.94 11.15
C THR A 70 -14.76 12.24 10.34
N LEU A 71 -14.39 11.22 9.57
CA LEU A 71 -15.34 10.48 8.77
C LEU A 71 -16.15 9.55 9.66
N ASP A 72 -17.33 9.18 9.16
CA ASP A 72 -18.12 8.14 9.80
C ASP A 72 -17.28 6.90 10.04
N HIS A 73 -17.54 6.22 11.15
CA HIS A 73 -16.66 5.15 11.60
C HIS A 73 -16.76 3.92 10.70
N GLU A 74 -17.96 3.61 10.20
CA GLU A 74 -18.11 2.49 9.28
C GLU A 74 -17.43 2.78 7.95
N ASP A 75 -17.46 4.03 7.50
CA ASP A 75 -16.74 4.40 6.28
C ASP A 75 -15.24 4.28 6.47
N GLN A 76 -14.73 4.65 7.64
CA GLN A 76 -13.30 4.44 7.92
C GLN A 76 -12.92 2.98 7.72
N ILE A 77 -13.71 2.07 8.28
CA ILE A 77 -13.47 0.64 8.10
C ILE A 77 -13.59 0.27 6.62
N ALA A 78 -14.63 0.78 5.96
CA ALA A 78 -14.81 0.51 4.54
C ALA A 78 -13.61 0.96 3.71
N LEU A 79 -13.02 2.11 4.03
CA LEU A 79 -11.84 2.54 3.30
C LEU A 79 -10.65 1.63 3.57
N LEU A 80 -10.38 1.31 4.84
CA LEU A 80 -9.25 0.45 5.17
C LEU A 80 -9.37 -0.91 4.47
N LYS A 81 -10.57 -1.51 4.48
CA LYS A 81 -10.76 -2.81 3.83
C LYS A 81 -10.72 -2.68 2.32
N GLY A 82 -11.37 -1.64 1.78
CA GLY A 82 -11.39 -1.48 0.33
C GLY A 82 -10.03 -1.23 -0.27
N SER A 83 -9.15 -0.53 0.44
N SER A 83 -9.15 -0.53 0.44
CA SER A 83 -7.88 -0.10 -0.10
CA SER A 83 -7.86 -0.11 -0.11
C SER A 83 -6.72 -0.99 0.32
C SER A 83 -6.73 -1.07 0.22
N ALA A 84 -6.99 -2.06 1.07
CA ALA A 84 -5.91 -2.84 1.69
C ALA A 84 -5.00 -3.48 0.66
N VAL A 85 -5.58 -4.12 -0.36
CA VAL A 85 -4.75 -4.85 -1.32
C VAL A 85 -3.95 -3.87 -2.18
N GLU A 86 -4.60 -2.82 -2.70
CA GLU A 86 -3.88 -1.85 -3.52
C GLU A 86 -2.76 -1.19 -2.72
N ALA A 87 -3.05 -0.81 -1.47
CA ALA A 87 -2.02 -0.16 -0.66
C ALA A 87 -0.88 -1.11 -0.35
N MET A 88 -1.18 -2.41 -0.12
CA MET A 88 -0.14 -3.41 0.09
C MET A 88 0.77 -3.53 -1.11
N PHE A 89 0.19 -3.59 -2.31
CA PHE A 89 1.01 -3.73 -3.50
C PHE A 89 1.82 -2.47 -3.77
N LEU A 90 1.24 -1.31 -3.54
CA LEU A 90 2.00 -0.07 -3.67
C LEU A 90 3.14 -0.04 -2.65
N ARG A 91 2.84 -0.33 -1.38
CA ARG A 91 3.90 -0.31 -0.38
C ARG A 91 4.99 -1.32 -0.71
N SER A 92 4.59 -2.56 -1.02
CA SER A 92 5.58 -3.59 -1.28
C SER A 92 6.42 -3.26 -2.50
N ALA A 93 5.84 -2.53 -3.47
CA ALA A 93 6.64 -2.11 -4.62
C ALA A 93 7.71 -1.11 -4.20
N GLU A 94 7.35 -0.13 -3.39
CA GLU A 94 8.35 0.80 -2.87
C GLU A 94 9.42 0.05 -2.07
N ILE A 95 9.02 -0.88 -1.21
CA ILE A 95 9.99 -1.61 -0.40
C ILE A 95 10.97 -2.34 -1.30
N PHE A 96 10.45 -3.04 -2.30
CA PHE A 96 11.29 -3.78 -3.22
C PHE A 96 12.16 -2.86 -4.06
N ASN A 97 11.61 -1.72 -4.49
CA ASN A 97 12.34 -0.84 -5.40
C ASN A 97 13.35 0.05 -4.69
N LYS A 98 13.05 0.50 -3.47
CA LYS A 98 13.79 1.62 -2.88
C LYS A 98 14.27 1.41 -1.45
N LYS A 99 13.60 0.55 -0.69
CA LYS A 99 13.87 0.43 0.75
C LYS A 99 14.75 -0.75 1.12
N LEU A 100 14.93 -1.74 0.22
CA LEU A 100 15.82 -2.82 0.66
C LEU A 100 17.17 -2.73 -0.03
N PRO A 101 18.25 -3.13 0.65
CA PRO A 101 19.53 -3.27 -0.05
C PRO A 101 19.42 -4.28 -1.17
N SER A 102 20.24 -4.09 -2.19
CA SER A 102 20.45 -5.15 -3.16
C SER A 102 20.91 -6.40 -2.45
N GLY A 103 20.33 -7.53 -2.79
CA GLY A 103 20.64 -8.72 -2.04
C GLY A 103 19.49 -9.06 -1.11
N HIS A 104 19.07 -8.10 -0.27
CA HIS A 104 17.77 -8.24 0.37
C HIS A 104 16.68 -8.37 -0.69
N SER A 105 16.68 -7.47 -1.66
CA SER A 105 15.70 -7.52 -2.72
C SER A 105 15.89 -8.79 -3.55
N ASP A 106 17.14 -9.18 -3.81
CA ASP A 106 17.38 -10.40 -4.58
C ASP A 106 16.82 -11.61 -3.84
N LEU A 107 17.12 -11.73 -2.55
CA LEU A 107 16.66 -12.90 -1.80
C LEU A 107 15.15 -12.86 -1.57
N LEU A 108 14.59 -11.65 -1.37
CA LEU A 108 13.13 -11.57 -1.24
C LEU A 108 12.44 -12.02 -2.52
N GLU A 109 12.93 -11.59 -3.68
CA GLU A 109 12.37 -12.08 -4.94
C GLU A 109 12.53 -13.58 -5.07
N GLU A 110 13.70 -14.11 -4.71
CA GLU A 110 13.89 -15.55 -4.78
C GLU A 110 12.91 -16.26 -3.85
N ARG A 111 12.66 -15.69 -2.67
CA ARG A 111 11.68 -16.29 -1.76
C ARG A 111 10.27 -16.18 -2.32
N ILE A 112 9.94 -15.03 -2.92
CA ILE A 112 8.62 -14.83 -3.52
C ILE A 112 8.38 -15.87 -4.63
N ARG A 113 9.36 -16.07 -5.51
CA ARG A 113 9.21 -17.05 -6.59
C ARG A 113 9.30 -18.49 -6.11
N ASN A 114 9.54 -18.75 -4.83
CA ASN A 114 9.62 -20.10 -4.29
C ASN A 114 8.86 -20.17 -2.97
N SER A 115 7.59 -19.77 -3.00
CA SER A 115 6.77 -19.74 -1.79
C SER A 115 5.48 -20.54 -1.98
N GLY A 116 5.40 -21.39 -3.00
CA GLY A 116 4.17 -22.08 -3.33
C GLY A 116 3.14 -21.25 -4.06
N ILE A 117 3.40 -19.97 -4.29
CA ILE A 117 2.47 -19.11 -5.01
C ILE A 117 2.65 -19.30 -6.51
N SER A 118 1.53 -19.39 -7.22
CA SER A 118 1.56 -19.67 -8.65
C SER A 118 2.21 -18.52 -9.41
N ASP A 119 2.93 -18.87 -10.48
CA ASP A 119 3.53 -17.82 -11.30
C ASP A 119 2.47 -16.93 -11.94
N GLU A 120 1.24 -17.42 -12.09
CA GLU A 120 0.14 -16.61 -12.62
C GLU A 120 0.01 -15.28 -11.87
N TYR A 121 0.31 -15.27 -10.58
CA TYR A 121 0.19 -14.07 -9.77
C TYR A 121 1.53 -13.43 -9.43
N ILE A 122 2.63 -14.17 -9.49
CA ILE A 122 3.93 -13.57 -9.24
C ILE A 122 4.37 -12.73 -10.43
N THR A 123 4.18 -13.23 -11.65
CA THR A 123 4.63 -12.49 -12.83
C THR A 123 4.01 -11.11 -12.93
N PRO A 124 2.69 -10.92 -12.85
CA PRO A 124 2.17 -9.55 -12.88
C PRO A 124 2.66 -8.70 -11.72
N MET A 125 2.93 -9.29 -10.56
CA MET A 125 3.45 -8.49 -9.45
C MET A 125 4.81 -7.90 -9.80
N PHE A 126 5.70 -8.69 -10.39
CA PHE A 126 7.02 -8.16 -10.71
C PHE A 126 6.98 -7.25 -11.92
N SER A 127 6.03 -7.48 -12.85
CA SER A 127 5.82 -6.55 -13.94
C SER A 127 5.39 -5.19 -13.40
N PHE A 128 4.46 -5.17 -12.45
CA PHE A 128 4.01 -3.91 -11.86
C PHE A 128 5.13 -3.21 -11.10
N TYR A 129 5.93 -3.97 -10.34
CA TYR A 129 7.07 -3.39 -9.63
C TYR A 129 7.97 -2.60 -10.58
N LYS A 130 8.33 -3.22 -11.72
CA LYS A 130 9.15 -2.52 -12.70
C LYS A 130 8.39 -1.36 -13.33
N SER A 131 7.10 -1.55 -13.61
CA SER A 131 6.29 -0.49 -14.19
C SER A 131 6.25 0.73 -13.27
N ILE A 132 6.06 0.49 -11.97
CA ILE A 132 6.12 1.59 -11.01
C ILE A 132 7.54 2.14 -10.93
N GLY A 133 8.55 1.27 -10.93
CA GLY A 133 9.92 1.75 -10.85
C GLY A 133 10.27 2.71 -11.98
N GLU A 134 9.73 2.48 -13.18
CA GLU A 134 10.03 3.32 -14.33
C GLU A 134 9.69 4.78 -14.07
N LEU A 135 8.65 5.04 -13.27
CA LEU A 135 8.23 6.41 -13.00
C LEU A 135 9.25 7.18 -12.18
N LYS A 136 10.16 6.49 -11.49
CA LYS A 136 11.19 7.12 -10.69
C LYS A 136 10.60 8.21 -9.80
N MET A 137 9.58 7.81 -9.03
CA MET A 137 8.93 8.72 -8.11
C MET A 137 9.81 9.03 -6.91
N THR A 138 9.69 10.25 -6.40
CA THR A 138 10.28 10.59 -5.12
C THR A 138 9.47 10.00 -3.98
N GLN A 139 10.03 10.08 -2.77
CA GLN A 139 9.30 9.64 -1.58
C GLN A 139 8.01 10.40 -1.41
N GLU A 140 8.03 11.71 -1.68
CA GLU A 140 6.81 12.52 -1.56
C GLU A 140 5.72 12.01 -2.51
N GLU A 141 6.08 11.72 -3.77
CA GLU A 141 5.08 11.22 -4.70
C GLU A 141 4.51 9.89 -4.26
N TYR A 142 5.37 8.97 -3.78
CA TYR A 142 4.90 7.69 -3.26
C TYR A 142 3.91 7.88 -2.13
N ALA A 143 4.25 8.75 -1.17
CA ALA A 143 3.39 8.96 -0.01
C ALA A 143 2.05 9.53 -0.43
N LEU A 144 2.06 10.52 -1.32
CA LEU A 144 0.81 11.14 -1.76
C LEU A 144 -0.03 10.16 -2.57
N LEU A 145 0.62 9.37 -3.45
CA LEU A 145 -0.13 8.40 -4.22
C LEU A 145 -0.77 7.37 -3.31
N THR A 146 -0.05 6.96 -2.27
CA THR A 146 -0.60 5.98 -1.34
C THR A 146 -1.83 6.53 -0.63
N ALA A 147 -1.75 7.78 -0.15
CA ALA A 147 -2.89 8.42 0.50
C ALA A 147 -4.06 8.60 -0.45
N ILE A 148 -3.78 8.84 -1.73
CA ILE A 148 -4.85 8.94 -2.71
C ILE A 148 -5.54 7.58 -2.92
N VAL A 149 -4.76 6.49 -2.92
CA VAL A 149 -5.35 5.16 -3.05
C VAL A 149 -6.23 4.87 -1.84
N ILE A 150 -5.77 5.25 -0.65
CA ILE A 150 -6.48 4.92 0.57
C ILE A 150 -7.78 5.70 0.67
N LEU A 151 -7.71 6.99 0.38
CA LEU A 151 -8.89 7.83 0.46
C LEU A 151 -9.70 7.81 -0.83
N SER A 152 -10.06 6.62 -1.32
CA SER A 152 -10.79 6.54 -2.58
C SER A 152 -12.29 6.63 -2.32
N PRO A 153 -13.01 7.59 -2.90
CA PRO A 153 -14.47 7.64 -2.69
C PRO A 153 -15.24 6.53 -3.40
N ASP A 154 -14.55 5.60 -4.06
CA ASP A 154 -15.19 4.60 -4.91
C ASP A 154 -15.23 3.21 -4.30
N ARG A 155 -14.77 3.03 -3.04
CA ARG A 155 -14.80 1.71 -2.45
C ARG A 155 -16.21 1.27 -2.11
N GLN A 156 -16.39 -0.05 -2.05
CA GLN A 156 -17.69 -0.59 -1.68
C GLN A 156 -18.05 -0.14 -0.28
N TYR A 157 -19.35 0.08 -0.07
CA TYR A 157 -20.02 0.33 1.22
C TYR A 157 -19.78 1.70 1.82
N ILE A 158 -19.15 2.65 1.12
CA ILE A 158 -19.00 3.98 1.68
C ILE A 158 -20.36 4.65 1.76
N LYS A 159 -20.71 5.17 2.94
CA LYS A 159 -21.99 5.84 3.09
C LYS A 159 -21.93 7.29 2.60
N ASP A 160 -20.87 8.00 2.91
CA ASP A 160 -20.77 9.43 2.62
C ASP A 160 -19.58 9.60 1.69
N ARG A 161 -19.83 9.35 0.39
CA ARG A 161 -18.75 9.41 -0.57
C ARG A 161 -18.26 10.84 -0.81
N GLU A 162 -19.13 11.84 -0.65
CA GLU A 162 -18.71 13.23 -0.83
C GLU A 162 -17.63 13.59 0.20
N ALA A 163 -17.81 13.13 1.43
CA ALA A 163 -16.85 13.44 2.49
C ALA A 163 -15.47 12.90 2.17
N VAL A 164 -15.39 11.70 1.62
CA VAL A 164 -14.11 11.13 1.23
C VAL A 164 -13.52 11.91 0.07
N GLU A 165 -14.36 12.24 -0.92
CA GLU A 165 -13.89 12.99 -2.07
C GLU A 165 -13.31 14.32 -1.64
N LYS A 166 -13.92 14.96 -0.65
CA LYS A 166 -13.37 16.22 -0.13
C LYS A 166 -11.99 16.04 0.48
N LEU A 167 -11.69 14.87 1.05
CA LEU A 167 -10.37 14.58 1.63
C LEU A 167 -9.36 14.24 0.57
N GLN A 168 -9.78 13.55 -0.50
CA GLN A 168 -8.86 13.09 -1.54
C GLN A 168 -8.44 14.21 -2.48
N GLU A 169 -9.34 15.12 -2.83
CA GLU A 169 -9.03 16.14 -3.83
C GLU A 169 -7.86 17.04 -3.45
N PRO A 170 -7.68 17.47 -2.19
CA PRO A 170 -6.49 18.28 -1.89
C PRO A 170 -5.20 17.53 -2.11
N LEU A 171 -5.21 16.19 -1.88
CA LEU A 171 -4.03 15.36 -2.10
C LEU A 171 -3.67 15.29 -3.58
N LEU A 172 -4.68 15.15 -4.44
CA LEU A 172 -4.46 15.16 -5.89
C LEU A 172 -3.86 16.48 -6.34
N ASP A 173 -4.40 17.59 -5.82
CA ASP A 173 -3.83 18.91 -6.16
C ASP A 173 -2.37 19.00 -5.74
N VAL A 174 -2.05 18.52 -4.55
CA VAL A 174 -0.66 18.53 -4.10
C VAL A 174 0.20 17.67 -5.04
N LEU A 175 -0.28 16.47 -5.38
CA LEU A 175 0.51 15.57 -6.21
C LEU A 175 0.75 16.16 -7.60
N GLN A 176 -0.28 16.79 -8.17
CA GLN A 176 -0.11 17.48 -9.45
C GLN A 176 1.08 18.42 -9.39
N LYS A 177 1.13 19.22 -8.34
CA LYS A 177 2.22 20.17 -8.17
C LYS A 177 3.55 19.45 -7.95
N LEU A 178 3.55 18.36 -7.19
CA LEU A 178 4.78 17.62 -6.94
C LEU A 178 5.38 17.11 -8.24
N CYS A 179 4.53 16.67 -9.18
CA CYS A 179 5.03 16.19 -10.46
C CYS A 179 5.71 17.30 -11.25
N LYS A 180 5.17 18.52 -11.17
CA LYS A 180 5.78 19.62 -11.90
C LYS A 180 7.06 20.12 -11.23
N ILE A 181 7.17 19.98 -9.92
CA ILE A 181 8.38 20.35 -9.20
C ILE A 181 9.47 19.32 -9.42
N HIS A 182 9.12 18.04 -9.42
CA HIS A 182 10.13 16.99 -9.39
C HIS A 182 10.47 16.46 -10.77
N GLN A 183 9.55 16.52 -11.73
CA GLN A 183 9.84 16.15 -13.11
C GLN A 183 9.37 17.27 -14.03
N PRO A 184 10.00 18.44 -13.96
CA PRO A 184 9.49 19.58 -14.75
C PRO A 184 9.59 19.37 -16.25
N GLU A 185 10.45 18.48 -16.71
CA GLU A 185 10.60 18.25 -18.14
C GLU A 185 9.60 17.24 -18.68
N ASN A 186 8.82 16.59 -17.83
CA ASN A 186 7.91 15.52 -18.24
C ASN A 186 6.49 15.94 -17.90
N PRO A 187 5.82 16.67 -18.78
CA PRO A 187 4.50 17.19 -18.42
C PRO A 187 3.46 16.11 -18.22
N GLN A 188 3.59 14.97 -18.90
CA GLN A 188 2.68 13.84 -18.75
C GLN A 188 2.87 13.05 -17.46
N HIS A 189 3.80 13.44 -16.57
CA HIS A 189 4.17 12.61 -15.43
C HIS A 189 2.98 12.31 -14.52
N PHE A 190 2.21 13.33 -14.16
CA PHE A 190 1.07 13.12 -13.27
C PHE A 190 0.05 12.16 -13.90
N ALA A 191 -0.20 12.29 -15.20
CA ALA A 191 -1.10 11.36 -15.89
C ALA A 191 -0.53 9.96 -15.88
N CYS A 192 0.79 9.84 -15.98
CA CYS A 192 1.42 8.52 -15.92
C CYS A 192 1.25 7.91 -14.54
N LEU A 193 1.45 8.69 -13.47
CA LEU A 193 1.15 8.19 -12.13
C LEU A 193 -0.28 7.67 -12.03
N LEU A 194 -1.28 8.44 -12.48
CA LEU A 194 -2.64 7.94 -12.39
C LEU A 194 -2.87 6.75 -13.32
N GLY A 195 -2.14 6.70 -14.42
CA GLY A 195 -2.22 5.52 -15.28
C GLY A 195 -1.77 4.26 -14.57
N ARG A 196 -0.81 4.38 -13.65
CA ARG A 196 -0.36 3.20 -12.92
C ARG A 196 -1.37 2.75 -11.88
N LEU A 197 -2.19 3.67 -11.36
CA LEU A 197 -3.27 3.28 -10.46
C LEU A 197 -4.25 2.33 -11.15
N THR A 198 -4.35 2.39 -12.48
CA THR A 198 -5.16 1.45 -13.23
C THR A 198 -4.58 0.04 -13.18
N GLU A 199 -3.28 -0.09 -13.41
CA GLU A 199 -2.65 -1.40 -13.26
C GLU A 199 -2.75 -1.87 -11.81
N LEU A 200 -2.57 -0.95 -10.85
CA LEU A 200 -2.66 -1.30 -9.43
C LEU A 200 -4.02 -1.92 -9.11
N ARG A 201 -5.09 -1.42 -9.72
CA ARG A 201 -6.40 -1.97 -9.40
C ARG A 201 -6.59 -3.40 -9.92
N THR A 202 -5.77 -3.84 -10.89
CA THR A 202 -5.88 -5.23 -11.32
C THR A 202 -5.53 -6.22 -10.22
N PHE A 203 -4.85 -5.78 -9.17
CA PHE A 203 -4.45 -6.72 -8.13
C PHE A 203 -5.56 -7.04 -7.15
N ASN A 204 -6.68 -6.32 -7.17
CA ASN A 204 -7.85 -6.80 -6.43
C ASN A 204 -8.28 -8.17 -6.93
N HIS A 205 -8.40 -8.32 -8.25
CA HIS A 205 -8.73 -9.63 -8.83
C HIS A 205 -7.60 -10.62 -8.65
N HIS A 206 -6.38 -10.22 -8.98
CA HIS A 206 -5.20 -11.11 -8.84
C HIS A 206 -5.13 -11.67 -7.42
N HIS A 207 -5.25 -10.82 -6.40
CA HIS A 207 -5.17 -11.26 -5.00
C HIS A 207 -6.31 -12.21 -4.66
N ALA A 208 -7.54 -11.90 -5.09
CA ALA A 208 -8.68 -12.75 -4.78
C ALA A 208 -8.51 -14.14 -5.38
N GLU A 209 -7.96 -14.23 -6.59
CA GLU A 209 -7.71 -15.55 -7.18
C GLU A 209 -6.61 -16.29 -6.43
N MET A 210 -5.55 -15.57 -6.04
CA MET A 210 -4.45 -16.19 -5.31
C MET A 210 -4.94 -16.83 -4.02
N LEU A 211 -5.84 -16.13 -3.31
CA LEU A 211 -6.38 -16.66 -2.07
C LEU A 211 -7.15 -17.96 -2.31
N MET A 212 -7.66 -18.17 -3.53
CA MET A 212 -8.39 -19.39 -3.82
C MET A 212 -7.48 -20.56 -4.20
N SER A 213 -6.21 -20.29 -4.51
CA SER A 213 -5.30 -21.33 -4.96
C SER A 213 -4.69 -22.05 -3.77
N TRP A 214 -3.85 -23.02 -4.07
CA TRP A 214 -3.20 -23.79 -2.97
C TRP A 214 -2.28 -22.89 -2.13
N ARG A 215 -2.16 -23.26 -0.85
CA ARG A 215 -1.27 -22.60 0.16
C ARG A 215 -0.32 -23.69 0.65
N VAL A 216 0.99 -23.44 0.57
CA VAL A 216 2.00 -24.48 0.93
C VAL A 216 1.49 -25.26 2.15
N ASN A 217 1.41 -26.58 2.03
CA ASN A 217 0.93 -27.47 3.08
C ASN A 217 -0.42 -27.03 3.64
N ASP A 218 -1.17 -26.25 2.85
CA ASP A 218 -2.42 -25.62 3.29
C ASP A 218 -2.27 -24.90 4.63
N HIS A 219 -1.24 -24.07 4.71
CA HIS A 219 -1.10 -23.17 5.85
C HIS A 219 -2.18 -22.09 5.81
N LYS A 220 -2.47 -21.54 6.99
CA LYS A 220 -3.52 -20.56 7.21
C LYS A 220 -2.92 -19.15 7.25
N PHE A 221 -3.81 -18.17 7.22
CA PHE A 221 -3.39 -16.78 7.40
C PHE A 221 -3.66 -16.34 8.84
N THR A 222 -3.00 -15.25 9.24
CA THR A 222 -3.23 -14.65 10.53
C THR A 222 -4.68 -14.16 10.62
N PRO A 223 -5.23 -14.10 11.82
CA PRO A 223 -6.57 -13.54 11.99
C PRO A 223 -6.76 -12.20 11.33
N LEU A 224 -5.79 -11.29 11.48
CA LEU A 224 -5.97 -9.95 10.92
C LEU A 224 -6.10 -9.99 9.40
N LEU A 225 -5.23 -10.76 8.73
CA LEU A 225 -5.32 -10.90 7.28
C LEU A 225 -6.64 -11.53 6.86
N CYS A 226 -7.07 -12.59 7.56
CA CYS A 226 -8.36 -13.19 7.26
C CYS A 226 -9.47 -12.16 7.35
N GLU A 227 -9.37 -11.26 8.32
CA GLU A 227 -10.42 -10.28 8.52
C GLU A 227 -10.38 -9.22 7.41
N ILE A 228 -9.20 -8.65 7.14
CA ILE A 228 -9.17 -7.56 6.18
C ILE A 228 -9.44 -8.06 4.76
N TRP A 229 -9.12 -9.31 4.45
CA TRP A 229 -9.35 -9.85 3.11
C TRP A 229 -10.66 -10.63 2.98
N ASP A 230 -11.48 -10.67 4.03
CA ASP A 230 -12.74 -11.45 4.05
C ASP A 230 -12.53 -12.93 3.70
N VAL A 231 -11.52 -13.54 4.31
CA VAL A 231 -11.21 -14.94 4.06
C VAL A 231 -12.16 -15.85 4.82
N LYS B 1 -18.10 -8.71 17.35
CA LYS B 1 -18.53 -7.82 16.29
C LYS B 1 -17.87 -8.13 14.94
N GLU B 2 -18.36 -7.50 13.89
CA GLU B 2 -17.67 -7.59 12.60
C GLU B 2 -16.42 -6.73 12.61
N ASN B 3 -15.42 -7.19 11.86
CA ASN B 3 -14.15 -6.49 11.70
C ASN B 3 -13.59 -6.09 13.06
N ALA B 4 -13.61 -7.03 14.00
CA ALA B 4 -13.17 -6.72 15.35
C ALA B 4 -11.70 -6.32 15.40
N LEU B 5 -10.83 -7.02 14.67
CA LEU B 5 -9.41 -6.71 14.77
C LEU B 5 -9.10 -5.37 14.13
N LEU B 6 -9.70 -5.09 12.98
CA LEU B 6 -9.44 -3.82 12.34
C LEU B 6 -9.95 -2.67 13.20
N ARG B 7 -11.13 -2.84 13.81
CA ARG B 7 -11.69 -1.82 14.70
C ARG B 7 -10.82 -1.63 15.94
N TYR B 8 -10.26 -2.72 16.46
CA TYR B 8 -9.28 -2.65 17.55
C TYR B 8 -8.10 -1.77 17.16
N LEU B 9 -7.49 -2.01 15.99
CA LEU B 9 -6.36 -1.22 15.54
C LEU B 9 -6.75 0.22 15.22
N LEU B 10 -7.93 0.42 14.64
CA LEU B 10 -8.36 1.77 14.32
C LEU B 10 -8.56 2.62 15.59
N ASP B 11 -9.17 2.04 16.62
CA ASP B 11 -9.47 2.83 17.84
C ASP B 11 -8.36 2.75 18.89
N LYS B 12 -7.24 2.13 18.57
CA LYS B 12 -6.13 2.02 19.56
C LYS B 12 -5.17 3.19 19.35
N ASP B 13 -5.02 4.08 20.33
CA ASP B 13 -4.06 5.21 20.24
C ASP B 13 -2.69 4.60 19.94
#